data_8B07
#
_entry.id   8B07
#
_cell.length_a   51.891
_cell.length_b   84.427
_cell.length_c   153.755
_cell.angle_alpha   90.000
_cell.angle_beta   90.000
_cell.angle_gamma   90.000
#
_symmetry.space_group_name_H-M   'P 21 21 21'
#
loop_
_entity.id
_entity.type
_entity.pdbx_description
1 polymer "Cap-specific mRNA (nucleoside-2'-O-)-methyltransferase"
2 non-polymer SINEFUNGIN
3 water water
#
_entity_poly.entity_id   1
_entity_poly.type   'polypeptide(L)'
_entity_poly.pdbx_seq_one_letter_code
;MDVVSLDKPFMYFEEIDNELDYEPESANEVAKKLPYQGQLKLLLGELFFLSKLQRHGILDGATVVYIGSAPGTHIRYLRD
HFYNLGVIIKWMLIDGRHHDPILNGLRDVTLVTRFVDEEYLRSIKKQLHPSKIILISDVRSKRGGNEPSTADLLSNYALQ
NVMISILNPVASSLKWRCPFPDQWIKDFYIPHGNKMLQPFAPSYSAEMRLLSIYTGENMRLTRVTKSDAVNYEKKMYYLN
KIVRNKVVINFDYPNQEYDYFHMYFMLRTVYCNKTFPTTKAKILFLQQSIFRFLNIPTTSTEKVSHE
;
_entity_poly.pdbx_strand_id   A,B
#
loop_
_chem_comp.id
_chem_comp.type
_chem_comp.name
_chem_comp.formula
SFG non-polymer SINEFUNGIN 'C15 H23 N7 O5'
#
# COMPACT_ATOMS: atom_id res chain seq x y z
N MET A 1 14.08 40.68 -11.39
CA MET A 1 13.85 39.39 -12.03
C MET A 1 14.03 39.48 -13.55
N ASP A 2 14.21 38.33 -14.18
CA ASP A 2 14.32 38.28 -15.63
C ASP A 2 12.94 38.39 -16.26
N VAL A 3 12.86 39.13 -17.35
CA VAL A 3 11.61 39.33 -18.06
C VAL A 3 11.42 38.21 -19.07
N VAL A 4 10.16 37.93 -19.40
CA VAL A 4 9.84 36.87 -20.35
C VAL A 4 8.48 37.19 -20.96
N SER A 5 8.23 36.68 -22.17
CA SER A 5 6.94 36.77 -22.83
C SER A 5 6.38 35.36 -22.97
N LEU A 6 5.18 35.14 -22.43
CA LEU A 6 4.57 33.82 -22.43
C LEU A 6 3.13 33.90 -22.90
N ASP A 7 2.69 32.86 -23.62
CA ASP A 7 1.27 32.74 -23.96
C ASP A 7 0.48 32.08 -22.84
N LYS A 8 1.11 31.18 -22.08
CA LYS A 8 0.42 30.45 -21.02
C LYS A 8 1.48 29.89 -20.08
N PRO A 9 1.12 29.63 -18.83
CA PRO A 9 2.06 29.00 -17.90
C PRO A 9 2.00 27.48 -18.01
N PHE A 10 2.97 26.84 -17.37
CA PHE A 10 2.95 25.39 -17.23
C PHE A 10 1.86 24.99 -16.22
N MET A 11 0.83 24.30 -16.70
CA MET A 11 -0.26 23.87 -15.83
C MET A 11 -0.03 22.50 -15.23
N TYR A 12 0.65 21.61 -15.96
CA TYR A 12 0.90 20.25 -15.52
C TYR A 12 2.37 19.92 -15.66
N PHE A 13 2.82 18.93 -14.87
CA PHE A 13 4.23 18.61 -14.80
C PHE A 13 4.81 18.27 -16.17
N GLU A 14 4.05 17.55 -17.00
CA GLU A 14 4.54 17.12 -18.30
C GLU A 14 4.96 18.28 -19.19
N GLU A 15 4.41 19.47 -18.98
CA GLU A 15 4.68 20.60 -19.85
C GLU A 15 6.04 21.24 -19.60
N ILE A 16 6.68 20.98 -18.46
CA ILE A 16 8.00 21.56 -18.20
C ILE A 16 8.97 21.03 -19.24
N ASP A 17 9.60 21.94 -19.97
CA ASP A 17 10.35 21.60 -21.19
C ASP A 17 11.86 21.76 -21.03
N ASN A 18 12.37 21.83 -19.81
CA ASN A 18 13.80 21.94 -19.58
C ASN A 18 14.09 21.44 -18.18
N GLU A 19 15.38 21.25 -17.89
CA GLU A 19 15.80 20.77 -16.59
C GLU A 19 17.09 21.47 -16.18
N LEU A 20 17.38 21.41 -14.89
CA LEU A 20 18.53 22.10 -14.31
C LEU A 20 19.00 21.31 -13.10
N ASP A 21 20.32 21.26 -12.91
CA ASP A 21 20.90 20.47 -11.82
C ASP A 21 20.52 21.08 -10.48
N TYR A 22 19.84 20.30 -9.64
CA TYR A 22 19.39 20.78 -8.35
C TYR A 22 20.57 21.13 -7.46
N GLU A 23 20.42 22.22 -6.70
CA GLU A 23 21.46 22.69 -5.81
C GLU A 23 20.87 23.16 -4.48
N LYS A 33 7.62 33.59 1.72
CA LYS A 33 7.59 35.05 1.56
C LYS A 33 6.22 35.64 1.88
N LEU A 34 5.20 35.21 1.13
CA LEU A 34 3.85 35.71 1.36
C LEU A 34 3.27 35.13 2.65
N PRO A 35 2.48 35.93 3.38
CA PRO A 35 1.82 35.42 4.58
C PRO A 35 0.80 34.33 4.26
N TYR A 36 0.89 33.24 5.02
CA TYR A 36 -0.03 32.11 4.93
C TYR A 36 -0.17 31.62 3.49
N GLN A 37 0.99 31.48 2.85
CA GLN A 37 1.06 31.01 1.47
C GLN A 37 0.55 29.58 1.34
N GLY A 38 0.69 28.79 2.40
CA GLY A 38 0.26 27.41 2.34
C GLY A 38 -1.24 27.25 2.11
N GLN A 39 -2.04 28.05 2.82
CA GLN A 39 -3.48 28.01 2.61
C GLN A 39 -3.86 28.49 1.22
N LEU A 40 -3.16 29.51 0.72
CA LEU A 40 -3.41 29.99 -0.65
C LEU A 40 -3.10 28.91 -1.67
N LYS A 41 -1.97 28.20 -1.48
CA LYS A 41 -1.60 27.13 -2.41
C LYS A 41 -2.69 26.06 -2.47
N LEU A 42 -3.16 25.61 -1.32
CA LEU A 42 -4.21 24.59 -1.29
C LEU A 42 -5.52 25.13 -1.88
N LEU A 43 -5.87 26.38 -1.55
CA LEU A 43 -7.13 26.95 -2.02
C LEU A 43 -7.17 27.01 -3.55
N LEU A 44 -6.09 27.46 -4.17
CA LEU A 44 -6.06 27.59 -5.63
C LEU A 44 -6.16 26.21 -6.30
N GLY A 45 -5.37 25.24 -5.82
CA GLY A 45 -5.38 23.93 -6.44
C GLY A 45 -6.71 23.21 -6.29
N GLU A 46 -7.34 23.35 -5.13
CA GLU A 46 -8.63 22.70 -4.89
C GLU A 46 -9.77 23.42 -5.61
N LEU A 47 -9.71 24.74 -5.72
CA LEU A 47 -10.66 25.46 -6.57
C LEU A 47 -10.54 25.01 -8.01
N PHE A 48 -9.31 24.87 -8.50
CA PHE A 48 -9.08 24.40 -9.86
C PHE A 48 -9.63 22.99 -10.06
N PHE A 49 -9.36 22.10 -9.10
CA PHE A 49 -9.80 20.72 -9.21
C PHE A 49 -11.32 20.61 -9.18
N LEU A 50 -11.96 21.29 -8.23
CA LEU A 50 -13.41 21.18 -8.11
C LEU A 50 -14.14 21.92 -9.22
N SER A 51 -13.59 23.06 -9.67
CA SER A 51 -14.20 23.76 -10.81
C SER A 51 -14.11 22.92 -12.07
N LYS A 52 -13.01 22.17 -12.25
CA LYS A 52 -12.93 21.24 -13.36
C LYS A 52 -14.01 20.18 -13.26
N LEU A 53 -14.28 19.68 -12.05
CA LEU A 53 -15.36 18.72 -11.86
C LEU A 53 -16.73 19.37 -12.10
N GLN A 54 -16.89 20.62 -11.71
CA GLN A 54 -18.14 21.32 -11.97
C GLN A 54 -18.39 21.44 -13.46
N ARG A 55 -17.34 21.71 -14.24
CA ARG A 55 -17.48 21.79 -15.69
C ARG A 55 -17.97 20.47 -16.27
N HIS A 56 -17.45 19.35 -15.76
CA HIS A 56 -17.89 18.04 -16.22
C HIS A 56 -19.25 17.64 -15.68
N GLY A 57 -19.85 18.43 -14.78
CA GLY A 57 -21.17 18.13 -14.27
C GLY A 57 -21.24 16.98 -13.29
N ILE A 58 -20.13 16.66 -12.63
CA ILE A 58 -20.10 15.58 -11.65
C ILE A 58 -19.89 16.09 -10.23
N LEU A 59 -19.73 17.40 -10.04
CA LEU A 59 -19.62 17.95 -8.70
C LEU A 59 -20.99 18.00 -8.01
N ASP A 60 -22.04 18.38 -8.74
CA ASP A 60 -23.35 18.53 -8.14
C ASP A 60 -23.88 17.19 -7.63
N GLY A 61 -24.37 17.20 -6.39
CA GLY A 61 -24.83 15.99 -5.74
C GLY A 61 -23.75 15.17 -5.08
N ALA A 62 -22.50 15.61 -5.10
CA ALA A 62 -21.41 14.80 -4.56
C ALA A 62 -21.14 15.17 -3.10
N THR A 63 -20.47 14.25 -2.41
CA THR A 63 -19.94 14.50 -1.09
C THR A 63 -18.42 14.56 -1.20
N VAL A 64 -17.84 15.67 -0.77
CA VAL A 64 -16.39 15.85 -0.81
C VAL A 64 -15.82 15.34 0.50
N VAL A 65 -15.05 14.25 0.42
CA VAL A 65 -14.38 13.68 1.58
C VAL A 65 -12.94 14.18 1.56
N TYR A 66 -12.59 15.05 2.49
CA TYR A 66 -11.28 15.68 2.58
C TYR A 66 -10.57 15.07 3.78
N ILE A 67 -9.56 14.25 3.52
CA ILE A 67 -8.78 13.59 4.56
C ILE A 67 -7.46 14.33 4.72
N GLY A 68 -7.08 14.59 5.97
CA GLY A 68 -5.98 15.49 6.23
C GLY A 68 -6.36 16.95 6.04
N SER A 69 -7.54 17.34 6.51
CA SER A 69 -8.09 18.67 6.27
C SER A 69 -7.78 19.67 7.37
N ALA A 70 -7.11 19.24 8.48
CA ALA A 70 -6.93 20.24 9.52
C ALA A 70 -5.59 20.96 9.36
N PRO A 71 -5.52 22.25 9.72
CA PRO A 71 -6.59 23.13 10.23
C PRO A 71 -7.66 23.47 9.18
N GLY A 72 -7.27 23.59 7.91
CA GLY A 72 -8.23 23.78 6.84
C GLY A 72 -8.95 25.11 6.83
N THR A 73 -8.25 26.19 7.17
CA THR A 73 -8.87 27.51 7.14
C THR A 73 -9.43 27.82 5.75
N HIS A 74 -8.66 27.51 4.70
CA HIS A 74 -9.08 27.82 3.34
C HIS A 74 -10.36 27.10 2.93
N ILE A 75 -10.64 25.94 3.55
CA ILE A 75 -11.80 25.14 3.16
C ILE A 75 -13.09 25.93 3.36
N ARG A 76 -13.11 26.85 4.32
CA ARG A 76 -14.28 27.71 4.50
C ARG A 76 -14.58 28.50 3.24
N TYR A 77 -13.53 29.01 2.56
CA TYR A 77 -13.75 29.75 1.33
C TYR A 77 -14.30 28.85 0.22
N LEU A 78 -13.74 27.65 0.08
CA LEU A 78 -14.23 26.72 -0.93
C LEU A 78 -15.72 26.44 -0.74
N ARG A 79 -16.11 26.09 0.49
CA ARG A 79 -17.50 25.74 0.77
C ARG A 79 -18.43 26.90 0.46
N ASP A 80 -18.07 28.11 0.91
CA ASP A 80 -18.90 29.28 0.65
C ASP A 80 -19.03 29.55 -0.84
N HIS A 81 -17.93 29.39 -1.58
CA HIS A 81 -17.94 29.67 -3.01
C HIS A 81 -18.97 28.79 -3.74
N PHE A 82 -18.91 27.47 -3.53
CA PHE A 82 -19.85 26.59 -4.20
C PHE A 82 -21.24 26.69 -3.60
N TYR A 83 -21.34 26.97 -2.29
CA TYR A 83 -22.65 27.22 -1.69
C TYR A 83 -23.32 28.43 -2.32
N ASN A 84 -22.56 29.51 -2.54
CA ASN A 84 -23.13 30.71 -3.14
C ASN A 84 -23.46 30.51 -4.61
N LEU A 85 -22.87 29.52 -5.26
CA LEU A 85 -23.24 29.19 -6.64
C LEU A 85 -24.47 28.30 -6.73
N GLY A 86 -24.95 27.77 -5.60
CA GLY A 86 -26.06 26.84 -5.63
C GLY A 86 -25.68 25.41 -5.93
N VAL A 87 -24.39 25.09 -5.95
CA VAL A 87 -23.97 23.71 -6.13
C VAL A 87 -24.22 22.93 -4.85
N ILE A 88 -24.86 21.76 -4.96
CA ILE A 88 -25.25 20.97 -3.81
C ILE A 88 -24.10 20.04 -3.45
N ILE A 89 -23.41 20.35 -2.35
CA ILE A 89 -22.26 19.58 -1.88
C ILE A 89 -22.39 19.36 -0.38
N LYS A 90 -22.05 18.16 0.07
CA LYS A 90 -21.78 17.88 1.46
C LYS A 90 -20.26 17.78 1.64
N TRP A 91 -19.75 18.36 2.72
CA TRP A 91 -18.34 18.29 3.06
C TRP A 91 -18.15 17.38 4.27
N MET A 92 -17.18 16.48 4.19
CA MET A 92 -16.80 15.63 5.31
C MET A 92 -15.29 15.79 5.50
N LEU A 93 -14.91 16.48 6.57
CA LEU A 93 -13.51 16.80 6.83
C LEU A 93 -13.00 15.91 7.95
N ILE A 94 -11.93 15.17 7.66
CA ILE A 94 -11.46 14.11 8.56
C ILE A 94 -9.99 14.33 8.84
N ASP A 95 -9.64 14.51 10.12
CA ASP A 95 -8.26 14.72 10.52
C ASP A 95 -8.16 14.45 12.02
N GLY A 96 -7.00 13.94 12.44
CA GLY A 96 -6.77 13.71 13.86
C GLY A 96 -6.59 14.97 14.66
N ARG A 97 -6.13 16.04 14.01
CA ARG A 97 -6.02 17.34 14.65
C ARG A 97 -7.30 18.14 14.46
N HIS A 98 -7.52 19.11 15.36
CA HIS A 98 -8.73 19.91 15.32
C HIS A 98 -8.67 20.93 14.19
N HIS A 99 -9.83 21.16 13.58
CA HIS A 99 -9.93 22.08 12.45
C HIS A 99 -9.99 23.53 12.94
N ASP A 100 -9.79 24.44 11.99
CA ASP A 100 -9.94 25.86 12.28
C ASP A 100 -11.37 26.14 12.73
N PRO A 101 -11.57 26.88 13.81
CA PRO A 101 -12.94 27.16 14.28
C PRO A 101 -13.80 27.90 13.26
N ILE A 102 -13.20 28.54 12.25
CA ILE A 102 -13.98 29.21 11.22
C ILE A 102 -14.82 28.25 10.39
N LEU A 103 -14.60 26.94 10.53
CA LEU A 103 -15.43 25.92 9.90
C LEU A 103 -16.61 25.50 10.77
N ASN A 104 -16.76 26.06 11.96
CA ASN A 104 -17.85 25.71 12.85
C ASN A 104 -19.16 26.32 12.37
N GLY A 105 -20.26 25.71 12.79
CA GLY A 105 -21.58 26.24 12.49
C GLY A 105 -22.03 26.11 11.07
N LEU A 106 -21.47 25.17 10.31
CA LEU A 106 -21.87 24.91 8.93
C LEU A 106 -22.54 23.55 8.87
N ARG A 107 -23.82 23.53 8.45
CA ARG A 107 -24.59 22.29 8.50
C ARG A 107 -24.16 21.32 7.41
N ASP A 108 -23.67 21.82 6.28
CA ASP A 108 -23.24 20.96 5.17
C ASP A 108 -21.78 20.52 5.31
N VAL A 109 -21.13 20.85 6.42
CA VAL A 109 -19.74 20.47 6.67
C VAL A 109 -19.70 19.65 7.95
N THR A 110 -19.31 18.39 7.84
CA THR A 110 -19.15 17.51 8.99
C THR A 110 -17.68 17.45 9.36
N LEU A 111 -17.36 17.79 10.60
CA LEU A 111 -16.00 17.77 11.10
C LEU A 111 -15.79 16.48 11.88
N VAL A 112 -14.83 15.66 11.45
CA VAL A 112 -14.53 14.38 12.07
C VAL A 112 -13.11 14.43 12.61
N THR A 113 -12.96 14.14 13.90
CA THR A 113 -11.65 14.09 14.54
C THR A 113 -11.22 12.63 14.64
N ARG A 114 -10.41 12.20 13.67
CA ARG A 114 -9.99 10.81 13.60
C ARG A 114 -8.88 10.66 12.57
N PHE A 115 -7.89 9.82 12.88
CA PHE A 115 -6.91 9.38 11.90
C PHE A 115 -7.47 8.18 11.16
N VAL A 116 -7.48 8.25 9.82
CA VAL A 116 -8.14 7.22 9.04
C VAL A 116 -7.21 6.03 8.86
N ASP A 117 -7.77 4.83 8.93
CA ASP A 117 -7.11 3.60 8.55
C ASP A 117 -8.05 2.82 7.64
N GLU A 118 -7.63 1.62 7.26
CA GLU A 118 -8.43 0.82 6.32
C GLU A 118 -9.81 0.52 6.89
N GLU A 119 -9.87 0.14 8.17
CA GLU A 119 -11.15 -0.22 8.78
C GLU A 119 -12.11 0.96 8.78
N TYR A 120 -11.62 2.16 9.11
CA TYR A 120 -12.49 3.33 9.13
C TYR A 120 -12.91 3.76 7.73
N LEU A 121 -12.03 3.60 6.73
CA LEU A 121 -12.39 3.94 5.36
C LEU A 121 -13.56 3.10 4.87
N ARG A 122 -13.61 1.83 5.27
CA ARG A 122 -14.75 0.99 4.91
C ARG A 122 -16.03 1.48 5.56
N SER A 123 -15.94 1.94 6.81
CA SER A 123 -17.14 2.43 7.51
C SER A 123 -17.72 3.66 6.85
N ILE A 124 -16.88 4.63 6.47
CA ILE A 124 -17.39 5.84 5.85
C ILE A 124 -17.92 5.55 4.45
N LYS A 125 -17.31 4.61 3.73
CA LYS A 125 -17.85 4.19 2.45
C LYS A 125 -19.24 3.59 2.62
N LYS A 126 -19.43 2.78 3.66
CA LYS A 126 -20.73 2.18 3.91
C LYS A 126 -21.81 3.24 4.16
N GLN A 127 -21.48 4.28 4.93
CA GLN A 127 -22.48 5.28 5.26
C GLN A 127 -22.77 6.22 4.09
N LEU A 128 -21.77 6.48 3.23
CA LEU A 128 -21.97 7.38 2.10
C LEU A 128 -22.50 6.67 0.86
N HIS A 129 -22.29 5.36 0.75
CA HIS A 129 -22.76 4.61 -0.40
C HIS A 129 -24.29 4.69 -0.47
N PRO A 130 -24.87 4.80 -1.68
CA PRO A 130 -24.23 4.86 -3.01
C PRO A 130 -24.04 6.27 -3.56
N SER A 131 -23.80 7.27 -2.72
CA SER A 131 -23.64 8.63 -3.22
C SER A 131 -22.24 8.84 -3.80
N LYS A 132 -22.15 9.81 -4.70
CA LYS A 132 -20.88 10.16 -5.31
C LYS A 132 -19.90 10.68 -4.27
N ILE A 133 -18.66 10.20 -4.32
CA ILE A 133 -17.61 10.62 -3.40
C ILE A 133 -16.52 11.28 -4.22
N ILE A 134 -16.11 12.47 -3.81
CA ILE A 134 -14.96 13.16 -4.37
C ILE A 134 -13.91 13.25 -3.27
N LEU A 135 -12.72 12.73 -3.56
CA LEU A 135 -11.69 12.57 -2.54
C LEU A 135 -10.63 13.66 -2.68
N ILE A 136 -10.31 14.31 -1.57
CA ILE A 136 -9.16 15.21 -1.48
C ILE A 136 -8.30 14.76 -0.32
N SER A 137 -7.04 14.45 -0.60
CA SER A 137 -6.11 14.00 0.44
C SER A 137 -4.93 14.94 0.50
N ASP A 138 -4.66 15.45 1.71
CA ASP A 138 -3.46 16.25 1.99
C ASP A 138 -2.76 15.70 3.22
N VAL A 139 -2.87 14.39 3.45
CA VAL A 139 -2.27 13.77 4.63
C VAL A 139 -0.76 13.86 4.55
N ARG A 140 -0.14 14.10 5.70
CA ARG A 140 1.31 14.03 5.82
C ARG A 140 1.65 13.65 7.25
N SER A 141 2.56 12.70 7.41
CA SER A 141 2.93 12.19 8.72
C SER A 141 4.30 12.71 9.14
N GLU A 147 11.19 17.10 8.65
CA GLU A 147 10.91 16.69 7.28
C GLU A 147 10.51 15.22 7.23
N PRO A 148 9.66 14.86 6.26
CA PRO A 148 9.21 13.48 6.15
C PRO A 148 10.22 12.60 5.44
N SER A 149 10.37 11.37 5.95
CA SER A 149 11.26 10.41 5.33
C SER A 149 10.59 9.74 4.13
N THR A 150 11.40 9.09 3.30
CA THR A 150 10.86 8.35 2.18
C THR A 150 9.90 7.26 2.65
N ALA A 151 10.18 6.64 3.79
CA ALA A 151 9.24 5.68 4.38
C ALA A 151 7.93 6.36 4.75
N ASP A 152 7.99 7.58 5.28
CA ASP A 152 6.77 8.32 5.59
C ASP A 152 5.96 8.60 4.33
N LEU A 153 6.64 9.05 3.27
CA LEU A 153 5.95 9.32 2.01
C LEU A 153 5.36 8.04 1.42
N LEU A 154 6.13 6.94 1.45
CA LEU A 154 5.62 5.67 0.94
C LEU A 154 4.41 5.19 1.72
N SER A 155 4.43 5.37 3.05
CA SER A 155 3.27 5.03 3.85
C SER A 155 2.08 5.93 3.50
N ASN A 156 2.32 7.23 3.32
CA ASN A 156 1.24 8.15 2.96
C ASN A 156 0.63 7.78 1.62
N TYR A 157 1.46 7.53 0.61
CA TYR A 157 0.95 7.19 -0.72
C TYR A 157 0.28 5.84 -0.72
N ALA A 158 0.75 4.89 0.10
CA ALA A 158 0.05 3.63 0.25
C ALA A 158 -1.34 3.85 0.82
N LEU A 159 -1.45 4.72 1.83
CA LEU A 159 -2.76 5.03 2.40
C LEU A 159 -3.67 5.69 1.37
N GLN A 160 -3.12 6.60 0.57
CA GLN A 160 -3.94 7.26 -0.45
C GLN A 160 -4.42 6.26 -1.51
N ASN A 161 -3.60 5.25 -1.83
CA ASN A 161 -4.08 4.16 -2.69
C ASN A 161 -5.23 3.42 -2.03
N VAL A 162 -5.13 3.15 -0.73
CA VAL A 162 -6.20 2.47 -0.01
C VAL A 162 -7.45 3.34 0.02
N MET A 163 -7.30 4.66 0.10
CA MET A 163 -8.46 5.54 0.02
C MET A 163 -9.23 5.31 -1.27
N ILE A 164 -8.53 5.25 -2.40
CA ILE A 164 -9.20 5.11 -3.69
C ILE A 164 -9.82 3.73 -3.83
N SER A 165 -9.10 2.68 -3.44
CA SER A 165 -9.60 1.33 -3.65
C SER A 165 -10.84 1.04 -2.80
N ILE A 166 -10.98 1.71 -1.67
CA ILE A 166 -12.12 1.50 -0.78
C ILE A 166 -13.21 2.53 -1.00
N LEU A 167 -12.86 3.82 -0.99
CA LEU A 167 -13.88 4.85 -1.19
C LEU A 167 -14.39 4.85 -2.62
N ASN A 168 -13.58 4.40 -3.57
CA ASN A 168 -13.94 4.38 -4.98
C ASN A 168 -14.51 5.72 -5.45
N PRO A 169 -13.77 6.82 -5.28
CA PRO A 169 -14.33 8.12 -5.62
C PRO A 169 -14.47 8.30 -7.13
N VAL A 170 -15.44 9.15 -7.51
CA VAL A 170 -15.59 9.51 -8.92
C VAL A 170 -14.42 10.36 -9.39
N ALA A 171 -13.76 11.05 -8.47
CA ALA A 171 -12.57 11.85 -8.79
C ALA A 171 -11.76 12.04 -7.51
N SER A 172 -10.47 12.31 -7.69
CA SER A 172 -9.60 12.46 -6.53
C SER A 172 -8.52 13.50 -6.81
N SER A 173 -8.14 14.23 -5.76
CA SER A 173 -6.96 15.08 -5.76
C SER A 173 -6.04 14.57 -4.65
N LEU A 174 -4.83 14.16 -5.03
CA LEU A 174 -3.92 13.53 -4.09
C LEU A 174 -2.62 14.32 -3.99
N LYS A 175 -2.13 14.47 -2.76
CA LYS A 175 -0.80 15.01 -2.53
C LYS A 175 0.23 14.12 -3.20
N TRP A 176 1.13 14.74 -3.98
CA TRP A 176 2.08 13.97 -4.76
C TRP A 176 3.43 14.69 -4.81
N ARG A 177 4.41 14.16 -4.08
CA ARG A 177 5.79 14.62 -4.16
C ARG A 177 6.67 13.39 -4.18
N CYS A 178 7.39 13.19 -5.29
CA CYS A 178 8.22 12.01 -5.44
C CYS A 178 9.39 12.07 -4.47
N PRO A 179 9.73 10.94 -3.85
CA PRO A 179 10.92 10.91 -2.99
C PRO A 179 12.18 11.28 -3.75
N PHE A 180 13.10 11.93 -3.06
CA PHE A 180 14.34 12.34 -3.67
C PHE A 180 15.14 11.11 -4.10
N PRO A 181 15.77 11.13 -5.29
CA PRO A 181 16.49 9.95 -5.77
C PRO A 181 17.60 9.49 -4.84
N ASP A 182 18.28 10.42 -4.17
CA ASP A 182 19.32 10.07 -3.21
C ASP A 182 18.75 9.63 -1.86
N GLN A 183 17.43 9.41 -1.79
CA GLN A 183 16.79 8.81 -0.62
C GLN A 183 15.88 7.66 -1.03
N TRP A 184 16.11 7.10 -2.21
CA TRP A 184 15.25 6.06 -2.75
C TRP A 184 15.29 4.81 -1.88
N ILE A 185 14.18 4.10 -1.82
CA ILE A 185 14.11 2.85 -1.09
C ILE A 185 13.68 1.73 -2.04
N LYS A 186 12.47 1.86 -2.60
CA LYS A 186 11.94 0.88 -3.54
C LYS A 186 11.04 1.61 -4.53
N ASP A 187 10.80 0.95 -5.66
CA ASP A 187 9.76 1.41 -6.58
C ASP A 187 8.40 1.26 -5.90
N PHE A 188 7.50 2.21 -6.18
CA PHE A 188 6.15 2.19 -5.61
C PHE A 188 5.16 2.57 -6.70
N TYR A 189 3.88 2.50 -6.35
CA TYR A 189 2.79 2.67 -7.30
C TYR A 189 1.85 3.79 -6.87
N ILE A 190 1.42 4.59 -7.84
CA ILE A 190 0.47 5.68 -7.61
C ILE A 190 -0.57 5.64 -8.73
N PRO A 191 -1.74 6.22 -8.51
CA PRO A 191 -2.80 6.17 -9.52
C PRO A 191 -2.45 6.97 -10.76
N HIS A 192 -3.10 6.61 -11.86
CA HIS A 192 -3.06 7.44 -13.05
C HIS A 192 -3.73 8.78 -12.78
N GLY A 193 -3.20 9.83 -13.38
CA GLY A 193 -3.84 11.13 -13.28
C GLY A 193 -2.95 12.23 -13.82
N ASN A 194 -3.51 13.43 -13.83
CA ASN A 194 -2.79 14.62 -14.29
C ASN A 194 -2.11 15.28 -13.10
N LYS A 195 -0.85 15.66 -13.28
CA LYS A 195 -0.02 16.19 -12.19
C LYS A 195 -0.07 17.71 -12.26
N MET A 196 -0.98 18.29 -11.48
CA MET A 196 -1.21 19.73 -11.48
C MET A 196 -0.09 20.45 -10.74
N LEU A 197 0.51 21.45 -11.38
CA LEU A 197 1.50 22.28 -10.72
C LEU A 197 0.82 23.34 -9.85
N GLN A 198 1.49 23.70 -8.75
CA GLN A 198 0.90 24.57 -7.74
C GLN A 198 1.59 25.92 -7.73
N PRO A 199 0.89 27.01 -8.04
CA PRO A 199 1.43 28.34 -7.76
C PRO A 199 1.47 28.61 -6.26
N PHE A 200 2.37 29.51 -5.87
CA PHE A 200 2.56 29.92 -4.48
C PHE A 200 2.91 28.75 -3.58
N ALA A 201 3.49 27.70 -4.16
CA ALA A 201 4.10 26.64 -3.39
C ALA A 201 5.40 27.16 -2.77
N PRO A 202 5.95 26.47 -1.77
CA PRO A 202 7.25 26.89 -1.24
C PRO A 202 8.28 26.99 -2.35
N SER A 203 9.21 27.94 -2.18
CA SER A 203 10.15 28.36 -3.23
C SER A 203 10.72 27.20 -4.03
N TYR A 204 11.11 26.12 -3.37
CA TYR A 204 11.73 24.99 -4.05
C TYR A 204 11.01 23.68 -3.75
N SER A 205 9.70 23.74 -3.53
CA SER A 205 8.92 22.53 -3.35
C SER A 205 8.76 21.80 -4.68
N ALA A 206 8.90 20.47 -4.64
CA ALA A 206 8.63 19.62 -5.79
C ALA A 206 7.25 18.99 -5.73
N GLU A 207 6.39 19.47 -4.84
CA GLU A 207 5.08 18.88 -4.64
C GLU A 207 4.11 19.31 -5.74
N MET A 208 3.27 18.37 -6.17
CA MET A 208 2.20 18.63 -7.11
C MET A 208 0.96 17.90 -6.62
N ARG A 209 -0.16 18.11 -7.30
CA ARG A 209 -1.41 17.42 -6.97
C ARG A 209 -1.78 16.49 -8.10
N LEU A 210 -2.08 15.24 -7.77
CA LEU A 210 -2.49 14.24 -8.75
C LEU A 210 -4.00 14.30 -8.89
N LEU A 211 -4.48 14.77 -10.04
CA LEU A 211 -5.90 14.93 -10.29
C LEU A 211 -6.36 13.79 -11.19
N SER A 212 -7.34 13.02 -10.71
CA SER A 212 -7.80 11.83 -11.41
C SER A 212 -9.32 11.84 -11.51
N ILE A 213 -9.83 11.54 -12.69
CA ILE A 213 -11.25 11.28 -12.90
C ILE A 213 -11.37 9.83 -13.35
N TYR A 214 -12.20 9.07 -12.63
CA TYR A 214 -12.22 7.62 -12.76
C TYR A 214 -13.34 7.20 -13.70
N THR A 215 -12.96 6.48 -14.76
CA THR A 215 -13.88 6.04 -15.80
C THR A 215 -13.94 4.51 -15.77
N GLY A 216 -15.15 3.97 -15.65
CA GLY A 216 -15.32 2.55 -15.45
C GLY A 216 -14.82 2.15 -14.08
N GLU A 217 -14.48 3.17 -13.29
CA GLU A 217 -13.91 3.02 -11.95
C GLU A 217 -12.87 1.91 -11.90
N ASN A 218 -11.94 1.96 -12.84
CA ASN A 218 -10.81 1.03 -12.90
C ASN A 218 -9.55 1.86 -12.76
N MET A 219 -9.10 2.02 -11.51
CA MET A 219 -7.91 2.83 -11.21
C MET A 219 -6.69 2.01 -11.57
N ARG A 220 -6.09 2.29 -12.72
CA ARG A 220 -4.87 1.62 -13.12
C ARG A 220 -3.68 2.28 -12.44
N LEU A 221 -2.79 1.46 -11.86
CA LEU A 221 -1.66 1.95 -11.08
C LEU A 221 -0.40 1.99 -11.94
N THR A 222 0.42 3.01 -11.74
CA THR A 222 1.65 3.20 -12.50
C THR A 222 2.85 3.12 -11.57
N ARG A 223 3.90 2.46 -12.03
CA ARG A 223 5.10 2.30 -11.22
C ARG A 223 5.96 3.56 -11.30
N VAL A 224 6.53 3.94 -10.15
CA VAL A 224 7.42 5.09 -10.05
C VAL A 224 8.82 4.56 -9.72
N THR A 225 9.80 4.95 -10.54
CA THR A 225 11.15 4.44 -10.45
C THR A 225 12.12 5.53 -10.00
N LYS A 226 13.35 5.10 -9.69
CA LYS A 226 14.37 6.05 -9.28
C LYS A 226 14.73 7.03 -10.39
N SER A 227 14.68 6.57 -11.65
CA SER A 227 14.91 7.48 -12.76
C SER A 227 13.78 8.50 -12.90
N ASP A 228 12.55 8.12 -12.56
CA ASP A 228 11.47 9.10 -12.46
C ASP A 228 11.78 10.13 -11.39
N ALA A 229 12.34 9.68 -10.26
CA ALA A 229 12.67 10.60 -9.18
C ALA A 229 13.71 11.63 -9.63
N VAL A 230 14.71 11.19 -10.40
CA VAL A 230 15.69 12.12 -10.96
C VAL A 230 15.01 13.13 -11.87
N ASN A 231 14.12 12.66 -12.74
CA ASN A 231 13.43 13.56 -13.66
C ASN A 231 12.55 14.55 -12.90
N TYR A 232 11.85 14.09 -11.87
CA TYR A 232 11.04 15.01 -11.06
C TYR A 232 11.92 16.08 -10.43
N GLU A 233 13.05 15.67 -9.84
CA GLU A 233 13.90 16.62 -9.14
C GLU A 233 14.47 17.68 -10.08
N LYS A 234 14.94 17.27 -11.26
CA LYS A 234 15.58 18.22 -12.17
C LYS A 234 14.55 19.13 -12.83
N LYS A 235 13.41 18.57 -13.24
CA LYS A 235 12.36 19.39 -13.86
C LYS A 235 11.82 20.43 -12.87
N MET A 236 11.54 20.01 -11.64
CA MET A 236 10.98 20.93 -10.66
C MET A 236 11.97 22.01 -10.24
N TYR A 237 13.26 21.66 -10.14
CA TYR A 237 14.26 22.67 -9.83
C TYR A 237 14.34 23.73 -10.94
N TYR A 238 14.27 23.30 -12.20
CA TYR A 238 14.21 24.26 -13.30
C TYR A 238 12.98 25.14 -13.18
N LEU A 239 11.84 24.54 -12.83
CA LEU A 239 10.62 25.31 -12.64
C LEU A 239 10.78 26.32 -11.50
N ASN A 240 11.34 25.88 -10.37
CA ASN A 240 11.43 26.74 -9.20
C ASN A 240 12.56 27.77 -9.33
N LYS A 241 13.70 27.38 -9.91
CA LYS A 241 14.84 28.29 -9.99
C LYS A 241 14.69 29.29 -11.14
N ILE A 242 14.20 28.84 -12.29
CA ILE A 242 14.19 29.67 -13.49
C ILE A 242 12.80 30.23 -13.76
N VAL A 243 11.83 29.33 -14.00
CA VAL A 243 10.54 29.74 -14.54
C VAL A 243 9.79 30.63 -13.56
N ARG A 244 9.70 30.20 -12.29
CA ARG A 244 8.91 30.94 -11.31
C ARG A 244 9.54 32.27 -10.91
N ASN A 245 10.78 32.54 -11.31
CA ASN A 245 11.45 33.80 -11.03
C ASN A 245 11.41 34.75 -12.22
N LYS A 246 10.49 34.53 -13.15
CA LYS A 246 10.35 35.38 -14.33
C LYS A 246 9.20 36.36 -14.15
N VAL A 247 9.30 37.48 -14.85
CA VAL A 247 8.21 38.45 -14.95
C VAL A 247 7.65 38.35 -16.36
N VAL A 248 6.35 38.05 -16.46
CA VAL A 248 5.69 37.86 -17.75
C VAL A 248 5.28 39.24 -18.25
N ILE A 249 6.13 39.84 -19.09
CA ILE A 249 5.99 41.25 -19.43
C ILE A 249 4.79 41.53 -20.33
N ASN A 250 4.30 40.53 -21.07
CA ASN A 250 3.12 40.71 -21.89
C ASN A 250 1.82 40.50 -21.12
N PHE A 251 1.90 40.01 -19.88
CA PHE A 251 0.72 39.68 -19.10
C PHE A 251 0.04 40.95 -18.60
N ASP A 252 -1.25 41.10 -18.92
CA ASP A 252 -2.02 42.28 -18.52
C ASP A 252 -2.64 42.01 -17.15
N TYR A 253 -1.93 42.44 -16.11
CA TYR A 253 -2.35 42.23 -14.73
C TYR A 253 -1.52 43.12 -13.80
N PRO A 254 -2.06 43.53 -12.66
CA PRO A 254 -1.27 44.38 -11.74
C PRO A 254 0.02 43.75 -11.30
N ASN A 255 0.08 42.43 -11.20
CA ASN A 255 1.31 41.72 -10.85
C ASN A 255 1.63 40.74 -11.97
N GLN A 256 2.81 40.91 -12.57
CA GLN A 256 3.23 40.10 -13.71
C GLN A 256 4.18 38.97 -13.33
N GLU A 257 4.43 38.78 -12.03
CA GLU A 257 5.25 37.65 -11.61
C GLU A 257 4.59 36.33 -11.98
N TYR A 258 5.43 35.33 -12.27
CA TYR A 258 4.95 34.10 -12.90
C TYR A 258 3.85 33.43 -12.07
N ASP A 259 4.00 33.42 -10.75
CA ASP A 259 3.00 32.77 -9.91
C ASP A 259 1.62 33.40 -10.08
N TYR A 260 1.56 34.72 -10.20
CA TYR A 260 0.29 35.38 -10.49
C TYR A 260 -0.20 35.05 -11.89
N PHE A 261 0.72 34.98 -12.86
CA PHE A 261 0.37 34.50 -14.19
C PHE A 261 -0.17 33.07 -14.13
N HIS A 262 0.48 32.22 -13.33
CA HIS A 262 0.02 30.85 -13.14
C HIS A 262 -1.34 30.82 -12.44
N MET A 263 -1.50 31.62 -11.39
CA MET A 263 -2.77 31.68 -10.67
C MET A 263 -3.88 32.18 -11.57
N TYR A 264 -3.58 33.18 -12.40
CA TYR A 264 -4.57 33.76 -13.31
C TYR A 264 -5.22 32.70 -14.18
N PHE A 265 -4.40 31.81 -14.76
CA PHE A 265 -4.93 30.78 -15.64
C PHE A 265 -5.73 29.73 -14.88
N MET A 266 -5.39 29.48 -13.61
CA MET A 266 -6.18 28.57 -12.81
C MET A 266 -7.53 29.20 -12.44
N LEU A 267 -7.55 30.49 -12.14
CA LEU A 267 -8.77 31.13 -11.68
C LEU A 267 -9.80 31.33 -12.79
N ARG A 268 -9.39 31.32 -14.06
CA ARG A 268 -10.36 31.53 -15.12
C ARG A 268 -11.17 30.27 -15.43
N THR A 269 -10.88 29.16 -14.77
CA THR A 269 -11.75 27.98 -14.81
C THR A 269 -12.86 28.04 -13.77
N VAL A 270 -12.83 29.03 -12.88
CA VAL A 270 -13.77 29.11 -11.77
C VAL A 270 -15.09 29.71 -12.25
N TYR A 271 -16.20 29.19 -11.74
CA TYR A 271 -17.53 29.71 -12.02
C TYR A 271 -17.90 30.79 -11.01
N CYS A 272 -18.62 31.81 -11.48
CA CYS A 272 -19.04 32.92 -10.62
C CYS A 272 -20.48 33.27 -10.90
N ASN A 273 -21.21 33.63 -9.84
CA ASN A 273 -22.56 34.18 -10.01
C ASN A 273 -22.49 35.57 -10.63
N LYS A 274 -21.59 36.41 -10.13
CA LYS A 274 -21.49 37.77 -10.61
C LYS A 274 -20.94 37.81 -12.03
N THR A 275 -21.45 38.74 -12.82
CA THR A 275 -20.95 38.97 -14.18
C THR A 275 -19.98 40.14 -14.16
N PHE A 276 -18.99 40.09 -15.04
CA PHE A 276 -17.94 41.08 -15.08
C PHE A 276 -17.77 41.59 -16.50
N PRO A 277 -17.38 42.86 -16.67
CA PRO A 277 -17.18 43.39 -18.03
C PRO A 277 -16.09 42.68 -18.80
N THR A 278 -15.06 42.16 -18.11
CA THR A 278 -13.93 41.50 -18.76
C THR A 278 -13.53 40.28 -17.95
N THR A 279 -12.80 39.38 -18.61
CA THR A 279 -12.21 38.25 -17.90
C THR A 279 -11.21 38.72 -16.85
N LYS A 280 -10.41 39.73 -17.18
CA LYS A 280 -9.45 40.26 -16.22
C LYS A 280 -10.14 40.78 -14.97
N ALA A 281 -11.27 41.47 -15.13
CA ALA A 281 -12.01 41.98 -13.98
C ALA A 281 -12.50 40.83 -13.09
N LYS A 282 -12.95 39.73 -13.70
CA LYS A 282 -13.37 38.58 -12.91
C LYS A 282 -12.22 38.01 -12.09
N ILE A 283 -11.06 37.82 -12.73
CA ILE A 283 -9.91 37.26 -12.03
C ILE A 283 -9.44 38.21 -10.93
N LEU A 284 -9.41 39.51 -11.24
CA LEU A 284 -9.01 40.50 -10.25
C LEU A 284 -9.95 40.47 -9.05
N PHE A 285 -11.26 40.34 -9.29
CA PHE A 285 -12.22 40.22 -8.21
C PHE A 285 -11.97 38.94 -7.40
N LEU A 286 -11.76 37.81 -8.08
CA LEU A 286 -11.51 36.56 -7.39
C LEU A 286 -10.23 36.62 -6.57
N GLN A 287 -9.16 37.18 -7.14
CA GLN A 287 -7.90 37.26 -6.41
C GLN A 287 -8.03 38.14 -5.18
N GLN A 288 -8.71 39.29 -5.31
CA GLN A 288 -8.95 40.14 -4.15
C GLN A 288 -9.77 39.39 -3.10
N SER A 289 -10.80 38.66 -3.53
CA SER A 289 -11.66 37.94 -2.60
C SER A 289 -10.87 36.88 -1.84
N ILE A 290 -10.06 36.10 -2.56
CA ILE A 290 -9.27 35.05 -1.93
C ILE A 290 -8.23 35.64 -0.98
N PHE A 291 -7.51 36.67 -1.45
CA PHE A 291 -6.46 37.28 -0.62
C PHE A 291 -7.03 37.90 0.64
N ARG A 292 -8.17 38.58 0.53
CA ARG A 292 -8.78 39.22 1.70
C ARG A 292 -9.17 38.21 2.75
N PHE A 293 -9.79 37.09 2.34
CA PHE A 293 -10.17 36.07 3.32
C PHE A 293 -8.96 35.48 4.00
N LEU A 294 -7.89 35.20 3.26
CA LEU A 294 -6.68 34.63 3.81
C LEU A 294 -5.79 35.66 4.49
N ASN A 295 -6.22 36.93 4.55
CA ASN A 295 -5.50 38.01 5.22
C ASN A 295 -4.15 38.28 4.56
N ILE A 296 -4.13 38.25 3.24
CA ILE A 296 -2.93 38.51 2.44
C ILE A 296 -3.02 39.91 1.87
N PRO A 297 -1.99 40.76 2.03
CA PRO A 297 -1.97 42.11 1.45
C PRO A 297 -2.15 42.10 -0.06
N ASP B 2 3.39 -40.64 -14.02
CA ASP B 2 3.92 -41.91 -13.52
C ASP B 2 3.36 -42.21 -12.13
N VAL B 3 2.96 -43.46 -11.92
CA VAL B 3 2.47 -43.91 -10.62
C VAL B 3 3.66 -44.30 -9.75
N VAL B 4 3.49 -44.22 -8.43
CA VAL B 4 4.57 -44.52 -7.50
C VAL B 4 3.95 -44.88 -6.15
N SER B 5 4.62 -45.74 -5.40
CA SER B 5 4.29 -46.04 -4.02
C SER B 5 5.21 -45.23 -3.12
N LEU B 6 4.63 -44.52 -2.15
CA LEU B 6 5.40 -43.62 -1.31
C LEU B 6 4.99 -43.79 0.14
N ASP B 7 5.97 -43.65 1.04
CA ASP B 7 5.71 -43.78 2.47
C ASP B 7 5.33 -42.46 3.12
N LYS B 8 5.88 -41.35 2.63
CA LYS B 8 5.59 -40.02 3.16
C LYS B 8 6.12 -38.97 2.18
N PRO B 9 5.53 -37.77 2.14
CA PRO B 9 6.05 -36.74 1.26
C PRO B 9 7.28 -36.05 1.86
N PHE B 10 7.98 -35.33 1.01
CA PHE B 10 9.10 -34.51 1.46
C PHE B 10 8.54 -33.28 2.18
N MET B 11 8.79 -33.18 3.48
CA MET B 11 8.25 -32.07 4.26
C MET B 11 9.19 -30.88 4.31
N TYR B 12 10.50 -31.12 4.26
CA TYR B 12 11.50 -30.06 4.35
C TYR B 12 12.53 -30.24 3.24
N PHE B 13 13.17 -29.14 2.86
CA PHE B 13 14.06 -29.15 1.70
C PHE B 13 15.16 -30.21 1.83
N GLU B 14 15.64 -30.43 3.05
CA GLU B 14 16.75 -31.37 3.26
C GLU B 14 16.37 -32.78 2.83
N GLU B 15 15.09 -33.12 2.85
CA GLU B 15 14.63 -34.48 2.55
C GLU B 15 14.65 -34.80 1.07
N ILE B 16 14.78 -33.81 0.19
CA ILE B 16 14.84 -34.07 -1.24
C ILE B 16 16.13 -34.84 -1.54
N ASP B 17 15.99 -36.04 -2.11
CA ASP B 17 17.10 -36.97 -2.23
C ASP B 17 17.61 -37.13 -3.66
N ASN B 18 17.30 -36.20 -4.55
CA ASN B 18 17.80 -36.26 -5.92
C ASN B 18 17.74 -34.88 -6.52
N GLU B 19 18.51 -34.68 -7.59
CA GLU B 19 18.55 -33.42 -8.29
C GLU B 19 18.32 -33.64 -9.78
N LEU B 20 18.07 -32.54 -10.48
CA LEU B 20 17.79 -32.58 -11.91
C LEU B 20 18.15 -31.22 -12.50
N ASP B 21 18.87 -31.24 -13.62
CA ASP B 21 19.32 -29.99 -14.23
C ASP B 21 18.12 -29.20 -14.74
N TYR B 22 18.10 -27.91 -14.40
CA TYR B 22 16.98 -27.04 -14.73
C TYR B 22 16.82 -26.93 -16.24
N GLU B 23 15.58 -26.75 -16.67
CA GLU B 23 15.25 -26.67 -18.09
C GLU B 23 14.08 -25.71 -18.29
N PRO B 24 14.22 -24.70 -19.17
CA PRO B 24 13.17 -23.69 -19.38
C PRO B 24 11.84 -24.29 -19.81
N LYS B 33 -3.27 -23.21 -11.53
CA LYS B 33 -4.24 -24.24 -11.87
C LYS B 33 -5.54 -24.08 -11.08
N LEU B 34 -5.55 -24.58 -9.84
CA LEU B 34 -6.72 -24.49 -9.00
C LEU B 34 -7.07 -23.03 -8.72
N PRO B 35 -8.35 -22.71 -8.61
CA PRO B 35 -8.74 -21.35 -8.22
C PRO B 35 -8.20 -20.99 -6.84
N TYR B 36 -7.70 -19.76 -6.72
CA TYR B 36 -7.16 -19.24 -5.46
C TYR B 36 -6.07 -20.14 -4.90
N GLN B 37 -5.23 -20.68 -5.78
CA GLN B 37 -4.19 -21.61 -5.33
C GLN B 37 -3.15 -20.91 -4.45
N GLY B 38 -2.90 -19.62 -4.69
CA GLY B 38 -1.95 -18.91 -3.85
C GLY B 38 -2.40 -18.82 -2.40
N GLN B 39 -3.68 -18.54 -2.18
CA GLN B 39 -4.21 -18.49 -0.81
C GLN B 39 -4.17 -19.88 -0.16
N LEU B 40 -4.45 -20.93 -0.93
CA LEU B 40 -4.36 -22.29 -0.39
C LEU B 40 -2.94 -22.62 0.03
N LYS B 41 -1.95 -22.22 -0.78
CA LYS B 41 -0.56 -22.46 -0.42
C LYS B 41 -0.20 -21.79 0.90
N LEU B 42 -0.59 -20.52 1.06
CA LEU B 42 -0.30 -19.80 2.30
C LEU B 42 -1.09 -20.37 3.47
N LEU B 43 -2.36 -20.70 3.26
CA LEU B 43 -3.19 -21.21 4.35
C LEU B 43 -2.60 -22.50 4.91
N LEU B 44 -2.23 -23.44 4.04
CA LEU B 44 -1.69 -24.71 4.51
C LEU B 44 -0.37 -24.49 5.25
N GLY B 45 0.53 -23.71 4.67
CA GLY B 45 1.83 -23.50 5.30
C GLY B 45 1.72 -22.79 6.64
N GLU B 46 0.84 -21.79 6.74
CA GLU B 46 0.69 -21.06 7.98
C GLU B 46 -0.10 -21.85 9.03
N LEU B 47 -1.09 -22.65 8.61
CA LEU B 47 -1.75 -23.55 9.56
C LEU B 47 -0.76 -24.56 10.11
N PHE B 48 0.12 -25.10 9.25
CA PHE B 48 1.15 -26.03 9.70
C PHE B 48 2.12 -25.34 10.65
N PHE B 49 2.52 -24.11 10.33
CA PHE B 49 3.47 -23.39 11.17
C PHE B 49 2.87 -23.06 12.53
N LEU B 50 1.67 -22.49 12.54
CA LEU B 50 1.04 -22.09 13.80
C LEU B 50 0.64 -23.30 14.64
N SER B 51 0.20 -24.39 14.00
CA SER B 51 -0.15 -25.59 14.75
C SER B 51 1.06 -26.16 15.48
N LYS B 52 2.23 -26.11 14.84
CA LYS B 52 3.46 -26.53 15.53
C LYS B 52 3.74 -25.63 16.73
N LEU B 53 3.49 -24.33 16.60
CA LEU B 53 3.63 -23.42 17.74
C LEU B 53 2.62 -23.75 18.84
N GLN B 54 1.40 -24.10 18.46
CA GLN B 54 0.42 -24.56 19.44
C GLN B 54 0.91 -25.81 20.16
N ARG B 55 1.53 -26.72 19.41
CA ARG B 55 2.10 -27.94 20.00
C ARG B 55 3.19 -27.59 21.02
N HIS B 56 4.05 -26.63 20.69
CA HIS B 56 5.12 -26.20 21.60
C HIS B 56 4.62 -25.28 22.71
N GLY B 57 3.36 -24.87 22.67
CA GLY B 57 2.80 -24.05 23.74
C GLY B 57 3.28 -22.61 23.75
N ILE B 58 3.58 -22.04 22.58
CA ILE B 58 4.03 -20.66 22.49
C ILE B 58 3.13 -19.83 21.58
N LEU B 59 1.92 -20.31 21.31
CA LEU B 59 0.96 -19.60 20.47
C LEU B 59 -0.08 -18.83 21.27
N ASP B 60 -0.58 -19.41 22.36
CA ASP B 60 -1.63 -18.76 23.14
C ASP B 60 -1.12 -17.46 23.75
N GLY B 61 -1.91 -16.40 23.60
CA GLY B 61 -1.57 -15.10 24.13
C GLY B 61 -0.64 -14.27 23.29
N ALA B 62 -0.16 -14.80 22.16
CA ALA B 62 0.82 -14.11 21.33
C ALA B 62 0.15 -13.17 20.34
N THR B 63 0.94 -12.21 19.86
CA THR B 63 0.53 -11.33 18.76
C THR B 63 1.23 -11.79 17.50
N VAL B 64 0.45 -12.09 16.46
CA VAL B 64 1.00 -12.45 15.16
C VAL B 64 1.18 -11.17 14.35
N VAL B 65 2.43 -10.83 14.05
CA VAL B 65 2.76 -9.69 13.20
C VAL B 65 3.01 -10.24 11.80
N TYR B 66 2.06 -9.99 10.90
CA TYR B 66 2.10 -10.50 9.54
C TYR B 66 2.38 -9.32 8.61
N ILE B 67 3.60 -9.24 8.10
CA ILE B 67 4.02 -8.19 7.19
C ILE B 67 3.95 -8.71 5.78
N GLY B 68 3.28 -7.97 4.90
CA GLY B 68 2.95 -8.46 3.58
C GLY B 68 1.71 -9.31 3.58
N SER B 69 0.67 -8.88 4.30
CA SER B 69 -0.50 -9.71 4.55
C SER B 69 -1.62 -9.56 3.53
N ALA B 70 -1.62 -8.48 2.73
CA ALA B 70 -2.75 -8.26 1.84
C ALA B 70 -2.64 -9.12 0.58
N PRO B 71 -3.79 -9.55 0.01
CA PRO B 71 -5.17 -9.35 0.49
C PRO B 71 -5.51 -10.19 1.73
N GLY B 72 -4.80 -11.31 1.93
CA GLY B 72 -4.93 -12.07 3.16
C GLY B 72 -6.26 -12.76 3.36
N THR B 73 -6.89 -13.21 2.27
CA THR B 73 -8.17 -13.91 2.39
C THR B 73 -8.07 -15.11 3.33
N HIS B 74 -7.00 -15.89 3.21
CA HIS B 74 -6.84 -17.10 4.01
C HIS B 74 -6.69 -16.81 5.50
N ILE B 75 -6.25 -15.60 5.87
CA ILE B 75 -6.01 -15.29 7.29
C ILE B 75 -7.31 -15.35 8.08
N ARG B 76 -8.45 -15.07 7.44
CA ARG B 76 -9.73 -15.21 8.12
C ARG B 76 -9.95 -16.65 8.59
N TYR B 77 -9.61 -17.63 7.75
CA TYR B 77 -9.74 -19.03 8.15
C TYR B 77 -8.81 -19.35 9.32
N LEU B 78 -7.57 -18.89 9.25
CA LEU B 78 -6.62 -19.14 10.34
C LEU B 78 -7.13 -18.54 11.65
N ARG B 79 -7.58 -17.28 11.61
CA ARG B 79 -8.06 -16.62 12.82
C ARG B 79 -9.25 -17.36 13.40
N ASP B 80 -10.22 -17.74 12.56
CA ASP B 80 -11.39 -18.46 13.05
C ASP B 80 -11.02 -19.82 13.62
N HIS B 81 -10.06 -20.50 12.98
CA HIS B 81 -9.68 -21.84 13.42
C HIS B 81 -9.19 -21.83 14.86
N PHE B 82 -8.22 -20.97 15.18
CA PHE B 82 -7.68 -20.93 16.52
C PHE B 82 -8.60 -20.22 17.50
N TYR B 83 -9.40 -19.26 17.03
CA TYR B 83 -10.36 -18.60 17.92
C TYR B 83 -11.37 -19.60 18.46
N ASN B 84 -11.89 -20.47 17.59
CA ASN B 84 -12.91 -21.44 18.01
C ASN B 84 -12.32 -22.52 18.90
N LEU B 85 -11.00 -22.69 18.92
CA LEU B 85 -10.34 -23.61 19.84
C LEU B 85 -10.07 -23.00 21.20
N GLY B 86 -10.42 -21.72 21.39
CA GLY B 86 -10.10 -21.05 22.64
C GLY B 86 -8.69 -20.51 22.72
N VAL B 87 -7.94 -20.52 21.63
CA VAL B 87 -6.60 -19.95 21.60
C VAL B 87 -6.71 -18.45 21.37
N ILE B 88 -6.05 -17.67 22.23
CA ILE B 88 -6.11 -16.22 22.16
C ILE B 88 -4.96 -15.73 21.29
N ILE B 89 -5.30 -15.17 20.13
CA ILE B 89 -4.32 -14.60 19.21
C ILE B 89 -4.78 -13.20 18.83
N LYS B 90 -3.86 -12.24 18.86
CA LYS B 90 -4.10 -10.92 18.31
C LYS B 90 -3.31 -10.78 17.02
N TRP B 91 -3.98 -10.37 15.95
CA TRP B 91 -3.39 -10.28 14.63
C TRP B 91 -3.11 -8.82 14.27
N MET B 92 -1.89 -8.55 13.82
CA MET B 92 -1.51 -7.23 13.31
C MET B 92 -1.06 -7.44 11.87
N LEU B 93 -1.91 -7.06 10.92
CA LEU B 93 -1.65 -7.27 9.50
C LEU B 93 -1.19 -5.95 8.89
N ILE B 94 0.00 -5.96 8.30
CA ILE B 94 0.66 -4.76 7.81
C ILE B 94 0.95 -4.93 6.33
N ASP B 95 0.54 -3.96 5.53
CA ASP B 95 0.74 -4.01 4.08
C ASP B 95 0.52 -2.62 3.51
N GLY B 96 0.88 -2.47 2.23
CA GLY B 96 0.64 -1.26 1.48
C GLY B 96 -0.62 -1.27 0.65
N ARG B 97 -1.36 -2.37 0.64
CA ARG B 97 -2.62 -2.50 -0.07
C ARG B 97 -3.74 -2.80 0.93
N HIS B 98 -4.98 -2.62 0.48
CA HIS B 98 -6.11 -2.96 1.33
C HIS B 98 -6.27 -4.48 1.42
N HIS B 99 -6.88 -4.93 2.51
CA HIS B 99 -7.10 -6.34 2.77
C HIS B 99 -8.47 -6.78 2.28
N ASP B 100 -8.64 -8.10 2.20
CA ASP B 100 -9.93 -8.68 1.86
C ASP B 100 -10.98 -8.23 2.89
N PRO B 101 -12.17 -7.83 2.44
CA PRO B 101 -13.19 -7.33 3.38
C PRO B 101 -13.61 -8.33 4.44
N ILE B 102 -13.42 -9.64 4.23
CA ILE B 102 -13.78 -10.62 5.24
C ILE B 102 -12.97 -10.45 6.51
N LEU B 103 -11.92 -9.64 6.49
CA LEU B 103 -11.13 -9.32 7.67
C LEU B 103 -11.65 -8.09 8.41
N ASN B 104 -12.67 -7.43 7.89
CA ASN B 104 -13.23 -6.26 8.57
C ASN B 104 -14.20 -6.69 9.66
N GLY B 105 -14.37 -5.82 10.65
CA GLY B 105 -15.24 -6.09 11.77
C GLY B 105 -14.69 -7.08 12.76
N LEU B 106 -13.45 -7.51 12.62
CA LEU B 106 -12.83 -8.46 13.53
C LEU B 106 -12.01 -7.70 14.56
N ARG B 107 -12.44 -7.77 15.82
CA ARG B 107 -11.81 -6.98 16.87
C ARG B 107 -10.35 -7.37 17.08
N ASP B 108 -10.05 -8.67 17.07
CA ASP B 108 -8.69 -9.12 17.32
C ASP B 108 -7.76 -8.91 16.13
N VAL B 109 -8.26 -8.36 15.02
CA VAL B 109 -7.48 -8.19 13.81
C VAL B 109 -7.34 -6.70 13.54
N THR B 110 -6.11 -6.20 13.52
CA THR B 110 -5.82 -4.82 13.19
C THR B 110 -5.19 -4.74 11.81
N LEU B 111 -5.76 -3.92 10.94
CA LEU B 111 -5.27 -3.74 9.57
C LEU B 111 -4.47 -2.45 9.51
N VAL B 112 -3.20 -2.56 9.19
CA VAL B 112 -2.27 -1.43 9.22
C VAL B 112 -1.77 -1.16 7.81
N THR B 113 -1.86 0.09 7.38
CA THR B 113 -1.33 0.53 6.09
C THR B 113 -0.02 1.27 6.38
N ARG B 114 1.10 0.61 6.11
CA ARG B 114 2.40 1.18 6.47
C ARG B 114 3.49 0.51 5.64
N PHE B 115 4.45 1.31 5.19
CA PHE B 115 5.67 0.78 4.58
C PHE B 115 6.69 0.57 5.68
N VAL B 116 7.05 -0.68 5.94
CA VAL B 116 7.84 -1.00 7.13
C VAL B 116 9.31 -0.77 6.83
N ASP B 117 9.98 -0.07 7.75
CA ASP B 117 11.43 0.03 7.79
C ASP B 117 11.88 -0.26 9.22
N GLU B 118 13.18 -0.13 9.47
CA GLU B 118 13.70 -0.43 10.79
C GLU B 118 13.03 0.45 11.85
N GLU B 119 12.86 1.74 11.55
CA GLU B 119 12.30 2.66 12.54
C GLU B 119 10.88 2.28 12.91
N TYR B 120 10.05 1.91 11.93
CA TYR B 120 8.69 1.48 12.25
C TYR B 120 8.68 0.19 13.06
N LEU B 121 9.61 -0.72 12.76
CA LEU B 121 9.68 -1.98 13.51
C LEU B 121 9.98 -1.70 14.98
N ARG B 122 10.85 -0.73 15.27
CA ARG B 122 11.13 -0.37 16.65
C ARG B 122 9.89 0.17 17.35
N SER B 123 9.09 0.97 16.65
CA SER B 123 7.92 1.57 17.28
C SER B 123 6.85 0.54 17.61
N ILE B 124 6.68 -0.48 16.76
CA ILE B 124 5.68 -1.50 17.07
C ILE B 124 6.20 -2.51 18.07
N LYS B 125 7.52 -2.66 18.21
CA LYS B 125 8.04 -3.44 19.33
C LYS B 125 7.68 -2.79 20.66
N LYS B 126 7.78 -1.45 20.73
CA LYS B 126 7.36 -0.74 21.93
C LYS B 126 5.84 -0.82 22.13
N GLN B 127 5.08 -0.69 21.04
CA GLN B 127 3.62 -0.76 21.14
C GLN B 127 3.16 -2.13 21.63
N LEU B 128 3.77 -3.20 21.12
CA LEU B 128 3.31 -4.55 21.43
C LEU B 128 3.84 -5.10 22.75
N HIS B 129 4.81 -4.43 23.37
CA HIS B 129 5.33 -4.89 24.66
C HIS B 129 4.19 -4.88 25.67
N PRO B 130 4.13 -5.88 26.58
CA PRO B 130 5.03 -7.01 26.76
C PRO B 130 4.59 -8.31 26.07
N SER B 131 3.71 -8.23 25.08
CA SER B 131 3.21 -9.43 24.43
C SER B 131 4.29 -10.13 23.61
N LYS B 132 4.25 -11.46 23.61
CA LYS B 132 5.11 -12.22 22.71
C LYS B 132 4.67 -12.02 21.27
N ILE B 133 5.64 -12.01 20.37
CA ILE B 133 5.41 -11.69 18.96
C ILE B 133 5.73 -12.92 18.12
N ILE B 134 4.82 -13.26 17.21
CA ILE B 134 5.06 -14.27 16.20
C ILE B 134 5.08 -13.56 14.85
N LEU B 135 6.16 -13.74 14.10
CA LEU B 135 6.36 -13.00 12.86
C LEU B 135 6.04 -13.90 11.67
N ILE B 136 5.26 -13.37 10.73
CA ILE B 136 5.04 -14.00 9.43
C ILE B 136 5.33 -12.95 8.38
N SER B 137 6.29 -13.24 7.50
CA SER B 137 6.67 -12.31 6.45
C SER B 137 6.41 -12.95 5.09
N ASP B 138 5.67 -12.24 4.24
CA ASP B 138 5.42 -12.66 2.87
C ASP B 138 5.62 -11.48 1.92
N VAL B 139 6.54 -10.59 2.25
CA VAL B 139 6.72 -9.37 1.47
C VAL B 139 7.19 -9.72 0.07
N ARG B 140 6.67 -8.98 -0.91
CA ARG B 140 7.06 -9.14 -2.31
C ARG B 140 7.16 -7.75 -2.93
N SER B 141 8.36 -7.40 -3.39
CA SER B 141 8.58 -6.15 -4.12
C SER B 141 8.41 -6.44 -5.61
N LYS B 142 7.23 -6.11 -6.15
CA LYS B 142 6.88 -6.34 -7.54
C LYS B 142 5.54 -5.71 -7.87
N GLU B 147 9.03 -11.83 -12.59
CA GLU B 147 9.76 -12.36 -11.45
C GLU B 147 10.67 -11.30 -10.86
N PRO B 148 10.87 -11.35 -9.54
CA PRO B 148 11.75 -10.38 -8.89
C PRO B 148 13.21 -10.58 -9.30
N SER B 149 13.95 -9.48 -9.31
CA SER B 149 15.38 -9.57 -9.53
C SER B 149 16.09 -10.06 -8.28
N THR B 150 17.34 -10.52 -8.46
CA THR B 150 18.13 -10.93 -7.30
C THR B 150 18.33 -9.77 -6.34
N ALA B 151 18.51 -8.56 -6.86
CA ALA B 151 18.62 -7.38 -6.00
C ALA B 151 17.35 -7.18 -5.18
N ASP B 152 16.19 -7.38 -5.79
CA ASP B 152 14.93 -7.29 -5.04
C ASP B 152 14.89 -8.31 -3.92
N LEU B 153 15.29 -9.54 -4.19
CA LEU B 153 15.24 -10.60 -3.18
C LEU B 153 16.16 -10.28 -2.01
N LEU B 154 17.39 -9.84 -2.30
CA LEU B 154 18.34 -9.52 -1.24
C LEU B 154 17.81 -8.41 -0.35
N SER B 155 17.13 -7.42 -0.96
CA SER B 155 16.51 -6.36 -0.18
C SER B 155 15.43 -6.91 0.74
N ASN B 156 14.59 -7.82 0.23
CA ASN B 156 13.55 -8.41 1.07
C ASN B 156 14.17 -9.19 2.23
N TYR B 157 15.18 -10.00 1.94
CA TYR B 157 15.78 -10.84 2.97
C TYR B 157 16.51 -9.98 4.01
N ALA B 158 17.13 -8.89 3.57
CA ALA B 158 17.76 -7.97 4.53
C ALA B 158 16.72 -7.40 5.49
N LEU B 159 15.57 -7.00 4.96
CA LEU B 159 14.49 -6.51 5.81
C LEU B 159 13.97 -7.62 6.72
N GLN B 160 13.81 -8.83 6.18
CA GLN B 160 13.31 -9.93 7.01
C GLN B 160 14.24 -10.22 8.18
N ASN B 161 15.56 -10.10 7.96
CA ASN B 161 16.49 -10.24 9.08
C ASN B 161 16.28 -9.15 10.12
N VAL B 162 16.06 -7.90 9.68
CA VAL B 162 15.82 -6.80 10.60
C VAL B 162 14.53 -7.01 11.37
N MET B 163 13.51 -7.58 10.73
CA MET B 163 12.27 -7.90 11.43
C MET B 163 12.54 -8.74 12.68
N ILE B 164 13.34 -9.80 12.52
CA ILE B 164 13.61 -10.68 13.65
C ILE B 164 14.48 -10.01 14.70
N SER B 165 15.53 -9.30 14.26
CA SER B 165 16.45 -8.68 15.21
C SER B 165 15.75 -7.62 16.05
N ILE B 166 14.89 -6.81 15.43
CA ILE B 166 14.19 -5.76 16.15
C ILE B 166 13.06 -6.33 16.99
N LEU B 167 12.18 -7.13 16.36
CA LEU B 167 10.97 -7.56 17.05
C LEU B 167 11.26 -8.63 18.10
N ASN B 168 12.35 -9.37 17.95
CA ASN B 168 12.69 -10.48 18.83
C ASN B 168 11.51 -11.44 19.01
N PRO B 169 11.00 -12.03 17.92
CA PRO B 169 9.83 -12.90 18.04
C PRO B 169 10.18 -14.25 18.67
N VAL B 170 9.16 -14.91 19.21
CA VAL B 170 9.35 -16.25 19.73
C VAL B 170 9.47 -17.26 18.60
N ALA B 171 8.92 -16.94 17.42
CA ALA B 171 9.00 -17.79 16.26
C ALA B 171 8.73 -16.96 15.01
N SER B 172 9.16 -17.46 13.86
CA SER B 172 9.00 -16.73 12.62
C SER B 172 8.80 -17.68 11.46
N SER B 173 7.99 -17.24 10.50
CA SER B 173 7.84 -17.89 9.21
C SER B 173 8.21 -16.87 8.13
N LEU B 174 9.21 -17.18 7.33
CA LEU B 174 9.76 -16.23 6.37
C LEU B 174 9.69 -16.78 4.95
N LYS B 175 9.31 -15.92 4.03
CA LYS B 175 9.41 -16.24 2.61
C LYS B 175 10.87 -16.51 2.27
N TRP B 176 11.13 -17.63 1.57
CA TRP B 176 12.50 -18.01 1.26
C TRP B 176 12.55 -18.62 -0.14
N ARG B 177 13.22 -17.94 -1.06
CA ARG B 177 13.54 -18.50 -2.37
C ARG B 177 14.93 -18.03 -2.74
N CYS B 178 15.84 -18.97 -2.94
CA CYS B 178 17.22 -18.62 -3.23
C CYS B 178 17.33 -17.98 -4.61
N PRO B 179 18.14 -16.94 -4.75
CA PRO B 179 18.40 -16.38 -6.08
C PRO B 179 19.02 -17.42 -7.00
N PHE B 180 18.65 -17.34 -8.27
CA PHE B 180 19.14 -18.29 -9.25
C PHE B 180 20.65 -18.14 -9.40
N PRO B 181 21.39 -19.25 -9.54
CA PRO B 181 22.86 -19.14 -9.64
C PRO B 181 23.32 -18.30 -10.82
N ASP B 182 22.63 -18.36 -11.95
CA ASP B 182 22.99 -17.53 -13.10
C ASP B 182 22.62 -16.07 -12.92
N GLN B 183 22.05 -15.69 -11.76
CA GLN B 183 21.77 -14.30 -11.45
C GLN B 183 22.38 -13.89 -10.11
N TRP B 184 23.45 -14.56 -9.70
CA TRP B 184 24.07 -14.29 -8.41
C TRP B 184 24.65 -12.88 -8.37
N ILE B 185 24.64 -12.29 -7.17
CA ILE B 185 25.22 -10.97 -6.97
C ILE B 185 26.27 -11.06 -5.87
N LYS B 186 25.86 -11.55 -4.70
CA LYS B 186 26.78 -11.67 -3.57
C LYS B 186 26.21 -12.69 -2.59
N ASP B 187 27.09 -13.21 -1.74
CA ASP B 187 26.65 -14.02 -0.61
C ASP B 187 25.85 -13.17 0.37
N PHE B 188 24.88 -13.80 1.03
CA PHE B 188 24.05 -13.12 2.00
C PHE B 188 23.64 -14.11 3.07
N TYR B 189 23.05 -13.59 4.14
CA TYR B 189 22.73 -14.39 5.32
C TYR B 189 21.22 -14.41 5.56
N ILE B 190 20.74 -15.56 6.00
CA ILE B 190 19.34 -15.75 6.36
C ILE B 190 19.29 -16.42 7.73
N PRO B 191 18.17 -16.33 8.44
CA PRO B 191 18.08 -16.98 9.74
C PRO B 191 18.18 -18.49 9.64
N HIS B 192 18.73 -19.11 10.68
CA HIS B 192 18.70 -20.55 10.78
C HIS B 192 17.27 -21.01 11.02
N GLY B 193 16.86 -22.08 10.34
CA GLY B 193 15.52 -22.59 10.50
C GLY B 193 15.27 -23.74 9.54
N ASN B 194 14.10 -24.35 9.70
CA ASN B 194 13.68 -25.46 8.86
C ASN B 194 12.98 -24.93 7.62
N LYS B 195 13.35 -25.47 6.46
CA LYS B 195 12.84 -25.00 5.17
C LYS B 195 11.64 -25.85 4.78
N MET B 196 10.45 -25.38 5.13
CA MET B 196 9.23 -26.12 4.87
C MET B 196 8.85 -26.05 3.40
N LEU B 197 8.53 -27.19 2.81
CA LEU B 197 8.07 -27.24 1.43
C LEU B 197 6.57 -27.02 1.37
N GLN B 198 6.12 -26.41 0.28
CA GLN B 198 4.74 -25.92 0.16
C GLN B 198 3.98 -26.73 -0.87
N PRO B 199 2.94 -27.47 -0.49
CA PRO B 199 2.02 -28.02 -1.48
C PRO B 199 1.23 -26.91 -2.17
N PHE B 200 0.84 -27.19 -3.42
CA PHE B 200 0.05 -26.28 -4.24
C PHE B 200 0.79 -24.96 -4.51
N ALA B 201 2.10 -24.98 -4.44
CA ALA B 201 2.90 -23.90 -4.96
C ALA B 201 2.83 -23.90 -6.48
N PRO B 202 3.20 -22.78 -7.14
CA PRO B 202 3.29 -22.80 -8.61
C PRO B 202 4.10 -23.97 -9.11
N SER B 203 3.85 -24.40 -10.35
CA SER B 203 4.32 -25.71 -10.81
C SER B 203 5.83 -25.86 -10.63
N TYR B 204 6.60 -24.85 -11.04
CA TYR B 204 8.06 -24.93 -10.98
C TYR B 204 8.64 -23.90 -10.01
N SER B 205 7.88 -23.50 -8.99
CA SER B 205 8.38 -22.55 -8.02
C SER B 205 9.42 -23.20 -7.11
N ALA B 206 10.47 -22.44 -6.80
CA ALA B 206 11.51 -22.89 -5.88
C ALA B 206 11.36 -22.27 -4.50
N GLU B 207 10.17 -21.76 -4.18
CA GLU B 207 9.93 -21.04 -2.94
C GLU B 207 9.56 -22.01 -1.82
N MET B 208 10.16 -21.79 -0.65
CA MET B 208 9.83 -22.50 0.57
C MET B 208 9.65 -21.49 1.69
N ARG B 209 9.15 -21.94 2.84
CA ARG B 209 8.98 -21.08 3.99
C ARG B 209 10.00 -21.46 5.06
N LEU B 210 10.72 -20.46 5.57
CA LEU B 210 11.76 -20.68 6.57
C LEU B 210 11.14 -20.54 7.96
N LEU B 211 11.05 -21.67 8.68
CA LEU B 211 10.41 -21.72 9.99
C LEU B 211 11.47 -21.79 11.08
N SER B 212 11.40 -20.87 12.04
CA SER B 212 12.37 -20.81 13.12
C SER B 212 11.65 -20.60 14.44
N ILE B 213 12.16 -21.27 15.49
CA ILE B 213 11.71 -21.04 16.85
C ILE B 213 12.92 -20.58 17.66
N TYR B 214 12.76 -19.48 18.38
CA TYR B 214 13.88 -18.81 19.05
C TYR B 214 13.85 -19.09 20.54
N THR B 215 15.02 -19.39 21.10
CA THR B 215 15.18 -19.69 22.52
C THR B 215 15.98 -18.55 23.16
N GLY B 216 15.28 -17.45 23.47
CA GLY B 216 15.93 -16.25 23.94
C GLY B 216 16.14 -15.26 22.80
N GLU B 217 17.14 -14.38 22.94
CA GLU B 217 17.49 -13.44 21.89
C GLU B 217 18.58 -13.98 20.97
N ASN B 218 18.94 -15.25 21.12
CA ASN B 218 19.98 -15.87 20.31
C ASN B 218 19.47 -16.05 18.88
N MET B 219 20.00 -15.27 17.94
CA MET B 219 19.64 -15.42 16.54
C MET B 219 20.85 -15.93 15.78
N ARG B 220 20.69 -17.07 15.10
CA ARG B 220 21.76 -17.65 14.30
C ARG B 220 21.47 -17.37 12.84
N LEU B 221 22.40 -16.70 12.17
CA LEU B 221 22.33 -16.46 10.74
C LEU B 221 23.18 -17.49 10.00
N THR B 222 22.78 -17.79 8.77
CA THR B 222 23.47 -18.77 7.94
C THR B 222 23.78 -18.17 6.57
N ARG B 223 24.98 -18.44 6.07
CA ARG B 223 25.40 -17.91 4.78
C ARG B 223 24.76 -18.70 3.64
N VAL B 224 24.44 -17.99 2.56
CA VAL B 224 23.96 -18.60 1.33
C VAL B 224 24.96 -18.27 0.24
N THR B 225 25.49 -19.30 -0.41
CA THR B 225 26.51 -19.14 -1.45
C THR B 225 25.95 -19.51 -2.81
N LYS B 226 26.73 -19.18 -3.85
CA LYS B 226 26.32 -19.51 -5.21
C LYS B 226 26.19 -21.02 -5.40
N SER B 227 27.09 -21.79 -4.77
CA SER B 227 26.96 -23.24 -4.83
C SER B 227 25.71 -23.72 -4.12
N ASP B 228 25.28 -23.03 -3.06
CA ASP B 228 23.98 -23.33 -2.47
C ASP B 228 22.85 -23.05 -3.46
N ALA B 229 22.98 -21.96 -4.22
CA ALA B 229 21.95 -21.62 -5.20
C ALA B 229 21.81 -22.69 -6.27
N VAL B 230 22.93 -23.26 -6.73
CA VAL B 230 22.87 -24.35 -7.67
C VAL B 230 22.14 -25.54 -7.06
N ASN B 231 22.46 -25.88 -5.82
CA ASN B 231 21.80 -27.00 -5.16
C ASN B 231 20.31 -26.73 -4.99
N TYR B 232 19.95 -25.51 -4.58
CA TYR B 232 18.54 -25.17 -4.46
C TYR B 232 17.81 -25.33 -5.79
N GLU B 233 18.40 -24.79 -6.87
CA GLU B 233 17.74 -24.85 -8.17
C GLU B 233 17.59 -26.30 -8.64
N LYS B 234 18.64 -27.11 -8.48
CA LYS B 234 18.57 -28.50 -8.96
C LYS B 234 17.61 -29.33 -8.11
N LYS B 235 17.71 -29.23 -6.79
CA LYS B 235 16.85 -30.02 -5.91
C LYS B 235 15.39 -29.65 -6.08
N MET B 236 15.08 -28.35 -6.15
CA MET B 236 13.70 -27.93 -6.32
C MET B 236 13.16 -28.26 -7.71
N TYR B 237 14.02 -28.21 -8.74
CA TYR B 237 13.57 -28.59 -10.07
C TYR B 237 13.19 -30.06 -10.12
N TYR B 238 13.97 -30.91 -9.46
CA TYR B 238 13.62 -32.33 -9.39
C TYR B 238 12.28 -32.53 -8.69
N LEU B 239 12.04 -31.79 -7.60
CA LEU B 239 10.77 -31.90 -6.89
C LEU B 239 9.61 -31.47 -7.78
N ASN B 240 9.79 -30.39 -8.54
CA ASN B 240 8.71 -29.85 -9.35
C ASN B 240 8.47 -30.65 -10.63
N LYS B 241 9.52 -31.23 -11.22
CA LYS B 241 9.34 -31.96 -12.46
C LYS B 241 9.02 -33.43 -12.24
N ILE B 242 9.60 -34.06 -11.22
CA ILE B 242 9.46 -35.49 -11.04
C ILE B 242 8.48 -35.81 -9.92
N VAL B 243 8.78 -35.35 -8.70
CA VAL B 243 8.05 -35.81 -7.52
C VAL B 243 6.59 -35.34 -7.56
N ARG B 244 6.37 -34.06 -7.83
CA ARG B 244 5.03 -33.50 -7.75
C ARG B 244 4.13 -33.96 -8.90
N ASN B 245 4.70 -34.53 -9.96
CA ASN B 245 3.93 -35.05 -11.08
C ASN B 245 3.55 -36.51 -10.90
N LYS B 246 3.76 -37.08 -9.71
CA LYS B 246 3.47 -38.47 -9.44
C LYS B 246 2.08 -38.63 -8.83
N VAL B 247 1.53 -39.83 -8.99
CA VAL B 247 0.31 -40.25 -8.31
C VAL B 247 0.70 -41.33 -7.31
N VAL B 248 0.31 -41.14 -6.05
CA VAL B 248 0.69 -42.03 -4.96
C VAL B 248 -0.39 -43.10 -4.87
N ILE B 249 -0.09 -44.29 -5.39
CA ILE B 249 -1.11 -45.34 -5.50
C ILE B 249 -1.38 -46.06 -4.18
N ASN B 250 -0.47 -45.97 -3.21
CA ASN B 250 -0.71 -46.52 -1.88
C ASN B 250 -1.30 -45.50 -0.92
N PHE B 251 -1.66 -44.33 -1.43
CA PHE B 251 -2.26 -43.26 -0.65
C PHE B 251 -3.79 -43.38 -0.75
N ASP B 252 -4.43 -43.75 0.36
CA ASP B 252 -5.86 -43.97 0.40
C ASP B 252 -6.56 -42.62 0.56
N TYR B 253 -6.97 -42.03 -0.57
CA TYR B 253 -7.59 -40.72 -0.56
C TYR B 253 -8.31 -40.50 -1.88
N PRO B 254 -9.39 -39.73 -1.90
CA PRO B 254 -10.09 -39.47 -3.18
C PRO B 254 -9.20 -38.82 -4.22
N ASN B 255 -8.19 -38.05 -3.81
CA ASN B 255 -7.25 -37.40 -4.72
C ASN B 255 -5.85 -37.85 -4.35
N GLN B 256 -5.21 -38.61 -5.25
CA GLN B 256 -3.93 -39.23 -4.98
C GLN B 256 -2.74 -38.47 -5.55
N GLU B 257 -2.97 -37.29 -6.12
CA GLU B 257 -1.87 -36.48 -6.61
C GLU B 257 -0.97 -36.04 -5.47
N TYR B 258 0.33 -35.92 -5.76
CA TYR B 258 1.34 -35.79 -4.71
C TYR B 258 1.07 -34.60 -3.80
N ASP B 259 0.60 -33.48 -4.38
CA ASP B 259 0.33 -32.30 -3.56
C ASP B 259 -0.75 -32.59 -2.53
N TYR B 260 -1.80 -33.33 -2.90
CA TYR B 260 -2.79 -33.76 -1.92
C TYR B 260 -2.18 -34.71 -0.90
N PHE B 261 -1.27 -35.58 -1.34
CA PHE B 261 -0.52 -36.41 -0.41
C PHE B 261 0.34 -35.54 0.51
N HIS B 262 0.96 -34.50 -0.05
CA HIS B 262 1.72 -33.56 0.77
C HIS B 262 0.82 -32.81 1.75
N MET B 263 -0.32 -32.33 1.26
CA MET B 263 -1.25 -31.61 2.13
C MET B 263 -1.78 -32.50 3.24
N TYR B 264 -2.06 -33.77 2.93
CA TYR B 264 -2.57 -34.71 3.91
C TYR B 264 -1.68 -34.76 5.15
N PHE B 265 -0.36 -34.86 4.96
CA PHE B 265 0.55 -34.97 6.09
C PHE B 265 0.65 -33.66 6.86
N MET B 266 0.46 -32.53 6.20
CA MET B 266 0.47 -31.26 6.93
C MET B 266 -0.78 -31.12 7.79
N LEU B 267 -1.94 -31.50 7.27
CA LEU B 267 -3.19 -31.28 7.98
C LEU B 267 -3.39 -32.22 9.16
N ARG B 268 -2.65 -33.33 9.23
CA ARG B 268 -2.80 -34.22 10.38
C ARG B 268 -2.09 -33.70 11.63
N THR B 269 -1.27 -32.65 11.50
CA THR B 269 -0.71 -31.97 12.65
C THR B 269 -1.66 -30.92 13.23
N VAL B 270 -2.84 -30.75 12.63
CA VAL B 270 -3.76 -29.68 13.00
C VAL B 270 -4.64 -30.14 14.15
N TYR B 271 -4.81 -29.27 15.15
CA TYR B 271 -5.74 -29.51 16.24
C TYR B 271 -7.16 -29.22 15.78
N CYS B 272 -8.11 -30.04 16.22
CA CYS B 272 -9.51 -29.85 15.91
C CYS B 272 -10.36 -30.19 17.12
N ASN B 273 -11.45 -29.43 17.31
CA ASN B 273 -12.41 -29.76 18.35
C ASN B 273 -13.10 -31.09 18.07
N LYS B 274 -13.52 -31.29 16.83
CA LYS B 274 -14.27 -32.48 16.46
C LYS B 274 -13.38 -33.72 16.49
N THR B 275 -13.83 -34.76 17.17
CA THR B 275 -13.13 -36.03 17.16
C THR B 275 -13.55 -36.85 15.95
N PHE B 276 -12.60 -37.55 15.36
CA PHE B 276 -12.85 -38.33 14.16
C PHE B 276 -12.45 -39.78 14.38
N PRO B 277 -13.15 -40.72 13.74
CA PRO B 277 -12.78 -42.13 13.90
C PRO B 277 -11.43 -42.47 13.30
N THR B 278 -11.05 -41.81 12.20
CA THR B 278 -9.81 -42.08 11.50
C THR B 278 -9.11 -40.77 11.17
N THR B 279 -7.82 -40.86 10.88
CA THR B 279 -7.09 -39.69 10.39
C THR B 279 -7.67 -39.21 9.06
N LYS B 280 -7.98 -40.14 8.15
CA LYS B 280 -8.53 -39.76 6.85
C LYS B 280 -9.85 -39.03 7.00
N ALA B 281 -10.66 -39.38 8.00
CA ALA B 281 -11.89 -38.64 8.26
C ALA B 281 -11.60 -37.20 8.62
N LYS B 282 -10.56 -36.97 9.43
CA LYS B 282 -10.22 -35.61 9.82
C LYS B 282 -9.69 -34.81 8.63
N ILE B 283 -8.78 -35.42 7.85
CA ILE B 283 -8.17 -34.71 6.73
C ILE B 283 -9.21 -34.36 5.68
N LEU B 284 -10.12 -35.29 5.39
CA LEU B 284 -11.19 -35.01 4.43
C LEU B 284 -12.05 -33.83 4.90
N PHE B 285 -12.36 -33.77 6.19
CA PHE B 285 -13.15 -32.67 6.72
C PHE B 285 -12.38 -31.35 6.58
N LEU B 286 -11.10 -31.34 6.94
CA LEU B 286 -10.31 -30.12 6.86
C LEU B 286 -10.17 -29.65 5.42
N GLN B 287 -9.87 -30.57 4.50
CA GLN B 287 -9.70 -30.19 3.10
C GLN B 287 -10.98 -29.62 2.51
N GLN B 288 -12.12 -30.27 2.79
CA GLN B 288 -13.40 -29.75 2.33
C GLN B 288 -13.67 -28.38 2.95
N SER B 289 -13.41 -28.23 4.25
CA SER B 289 -13.64 -26.96 4.92
C SER B 289 -12.78 -25.85 4.33
N ILE B 290 -11.50 -26.14 4.10
CA ILE B 290 -10.60 -25.15 3.53
C ILE B 290 -11.01 -24.80 2.10
N PHE B 291 -11.30 -25.83 1.29
CA PHE B 291 -11.66 -25.59 -0.10
C PHE B 291 -12.98 -24.81 -0.20
N ARG B 292 -13.97 -25.17 0.61
CA ARG B 292 -15.23 -24.43 0.62
C ARG B 292 -15.01 -22.98 1.03
N PHE B 293 -14.17 -22.75 2.04
CA PHE B 293 -13.89 -21.37 2.45
C PHE B 293 -13.27 -20.56 1.33
N LEU B 294 -12.33 -21.15 0.60
CA LEU B 294 -11.62 -20.44 -0.45
C LEU B 294 -12.36 -20.45 -1.79
N ASN B 295 -13.56 -21.02 -1.84
CA ASN B 295 -14.35 -21.12 -3.07
C ASN B 295 -13.61 -21.90 -4.15
N ILE B 296 -13.17 -23.09 -3.78
CA ILE B 296 -12.53 -24.04 -4.69
C ILE B 296 -13.47 -25.24 -4.84
N PRO B 297 -13.89 -25.60 -6.07
CA PRO B 297 -14.82 -26.71 -6.33
C PRO B 297 -14.39 -28.02 -5.67
N SFG C . -4.93 20.31 4.39
CA SFG C . -4.65 20.93 5.70
C SFG C . -5.00 22.41 5.67
O SFG C . -4.56 23.22 6.46
OXT SFG C . -5.82 22.71 4.69
CB SFG C . -3.20 20.72 6.13
CG SFG C . -2.80 19.24 6.14
CD SFG C . -1.55 18.90 6.95
NE SFG C . -0.35 19.47 6.31
C5' SFG C . -1.39 17.40 7.17
C4' SFG C . -2.47 16.79 8.05
O4' SFG C . -2.66 15.38 7.77
C3' SFG C . -2.23 16.92 9.57
O3' SFG C . -3.22 17.74 10.17
C2' SFG C . -2.34 15.46 10.08
O2' SFG C . -3.03 15.38 11.31
C1' SFG C . -3.15 14.81 8.96
N9 SFG C . -3.04 13.36 8.87
C8 SFG C . -1.90 12.59 8.87
N7 SFG C . -2.12 11.30 8.81
C5 SFG C . -3.51 11.21 8.77
C6 SFG C . -4.38 10.11 8.70
N6 SFG C . -3.97 8.83 8.67
N1 SFG C . -5.70 10.36 8.68
C2 SFG C . -6.12 11.63 8.72
N3 SFG C . -5.39 12.75 8.78
C4 SFG C . -4.08 12.47 8.81
N SFG D . 0.54 -12.80 2.05
CA SFG D . -0.36 -12.12 1.11
C SFG D . -1.71 -12.82 1.04
O SFG D . -2.44 -12.75 0.09
OXT SFG D . -1.98 -13.49 2.14
CB SFG D . 0.27 -12.02 -0.29
CG SFG D . 1.65 -11.35 -0.29
CD SFG D . 1.68 -9.96 -0.90
NE SFG D . 1.45 -10.04 -2.35
C5' SFG D . 2.98 -9.20 -0.63
C4' SFG D . 2.79 -7.79 -0.12
O4' SFG D . 3.95 -7.34 0.61
C3' SFG D . 2.51 -6.73 -1.20
O3' SFG D . 1.16 -6.31 -1.18
C2' SFG D . 3.46 -5.57 -0.84
O2' SFG D . 2.81 -4.31 -0.86
C1' SFG D . 3.87 -5.93 0.59
N9 SFG D . 5.15 -5.36 1.02
C8 SFG D . 6.36 -5.44 0.38
N7 SFG D . 7.32 -4.77 0.98
C5 SFG D . 6.70 -4.22 2.09
C6 SFG D . 7.17 -3.39 3.13
N6 SFG D . 8.43 -2.95 3.21
N1 SFG D . 6.28 -3.02 4.09
C2 SFG D . 5.02 -3.46 4.00
N3 SFG D . 4.46 -4.24 3.07
C4 SFG D . 5.36 -4.59 2.14
#